data_1ATL
#
_entry.id   1ATL
#
_cell.length_a   97.320
_cell.length_b   97.320
_cell.length_c   87.760
_cell.angle_alpha   90.00
_cell.angle_beta   90.00
_cell.angle_gamma   120.00
#
_symmetry.space_group_name_H-M   'P 65'
#
loop_
_entity.id
_entity.type
_entity.pdbx_description
1 polymer 'Snake venom metalloproteinase atrolysin-D'
2 non-polymer 'ZINC ION'
3 non-polymer 'CALCIUM ION'
4 non-polymer O-methyl-N-[(2S)-4-methyl-2-(sulfanylmethyl)pentanoyl]-L-tyrosine
5 water water
#
_entity_poly.entity_id   1
_entity_poly.type   'polypeptide(L)'
_entity_poly.pdbx_seq_one_letter_code
;QNLPQRYIELVVVADHRVFMKYNSDLNTIRTRVHEIVNFINGFYRSLNIHVSLTDLEIWSNEDQINIQSASSDTLNAFAE
WRETDLLNRKSHDNAQLLTAIELDEETLGLAPLGTMCDPKLSIGIVQDHSPINLLMGVTMAHELGHNLGMEHDGKDCLRG
ASLCIMRPGLTKGRSYEFSDDSMHYYERFLKQYKPQCILNKP
;
_entity_poly.pdbx_strand_id   A,B
#
loop_
_chem_comp.id
_chem_comp.type
_chem_comp.name
_chem_comp.formula
0QI peptide-like O-methyl-N-[(2S)-4-methyl-2-(sulfanylmethyl)pentanoyl]-L-tyrosine 'C17 H25 N O4 S'
CA non-polymer 'CALCIUM ION' 'Ca 2'
ZN non-polymer 'ZINC ION' 'Zn 2'
#
# COMPACT_ATOMS: atom_id res chain seq x y z
N LEU A 3 -9.10 2.38 0.07
CA LEU A 3 -8.30 3.50 0.64
C LEU A 3 -7.62 4.32 -0.44
N PRO A 4 -7.92 5.62 -0.53
CA PRO A 4 -7.32 6.52 -1.54
C PRO A 4 -5.88 6.86 -1.16
N GLN A 5 -5.07 7.27 -2.13
CA GLN A 5 -3.67 7.61 -1.86
C GLN A 5 -3.58 8.94 -1.12
N ARG A 6 -2.92 8.91 0.03
CA ARG A 6 -2.74 10.10 0.84
C ARG A 6 -1.25 10.34 1.09
N TYR A 7 -0.90 11.60 1.34
CA TYR A 7 0.48 12.02 1.54
C TYR A 7 0.64 12.91 2.76
N ILE A 8 1.61 12.58 3.60
CA ILE A 8 1.89 13.37 4.79
C ILE A 8 3.22 14.10 4.61
N GLU A 9 3.20 15.41 4.75
CA GLU A 9 4.42 16.22 4.65
C GLU A 9 4.86 16.39 6.10
N LEU A 10 5.81 15.54 6.48
CA LEU A 10 6.32 15.48 7.84
C LEU A 10 7.59 16.28 8.11
N VAL A 11 7.61 16.96 9.25
CA VAL A 11 8.78 17.70 9.70
C VAL A 11 9.16 17.08 11.03
N VAL A 12 10.43 16.67 11.16
CA VAL A 12 10.92 16.09 12.41
C VAL A 12 11.80 17.16 13.06
N VAL A 13 11.61 17.36 14.36
CA VAL A 13 12.39 18.34 15.10
C VAL A 13 13.18 17.57 16.15
N ALA A 14 14.50 17.68 16.12
CA ALA A 14 15.32 16.98 17.10
C ALA A 14 15.76 18.00 18.12
N ASP A 15 15.56 17.70 19.40
CA ASP A 15 15.94 18.63 20.46
C ASP A 15 17.43 18.71 20.73
N HIS A 16 17.83 19.61 21.61
CA HIS A 16 19.24 19.79 21.91
C HIS A 16 19.86 18.56 22.54
N ARG A 17 19.07 17.79 23.28
CA ARG A 17 19.56 16.57 23.89
C ARG A 17 19.95 15.53 22.83
N VAL A 18 19.16 15.45 21.77
CA VAL A 18 19.48 14.51 20.68
C VAL A 18 20.77 15.01 20.03
N PHE A 19 20.90 16.32 19.91
CA PHE A 19 22.07 16.94 19.32
C PHE A 19 23.36 16.54 20.04
N MET A 20 23.40 16.77 21.35
CA MET A 20 24.54 16.43 22.19
C MET A 20 24.79 14.94 22.19
N LYS A 21 23.70 14.17 22.28
CA LYS A 21 23.75 12.71 22.28
C LYS A 21 24.53 12.16 21.08
N TYR A 22 24.43 12.81 19.93
CA TYR A 22 25.12 12.34 18.74
C TYR A 22 26.37 13.11 18.39
N ASN A 23 27.03 13.64 19.41
CA ASN A 23 28.29 14.37 19.25
C ASN A 23 28.19 15.62 18.36
N SER A 24 27.07 16.33 18.41
CA SER A 24 26.90 17.54 17.61
C SER A 24 27.10 17.26 16.11
N ASP A 25 26.85 16.00 15.73
CA ASP A 25 26.99 15.57 14.35
C ASP A 25 25.66 15.54 13.61
N LEU A 26 25.41 16.55 12.77
CA LEU A 26 24.16 16.64 12.02
C LEU A 26 23.92 15.46 11.09
N ASN A 27 24.97 15.02 10.40
CA ASN A 27 24.88 13.91 9.45
C ASN A 27 24.35 12.60 10.04
N THR A 28 24.88 12.22 11.20
CA THR A 28 24.47 10.99 11.86
C THR A 28 22.99 11.08 12.19
N ILE A 29 22.56 12.25 12.67
CA ILE A 29 21.16 12.48 13.01
C ILE A 29 20.29 12.42 11.75
N ARG A 30 20.74 13.09 10.70
CA ARG A 30 19.97 13.10 9.45
C ARG A 30 19.81 11.70 8.92
N THR A 31 20.89 10.91 8.98
CA THR A 31 20.87 9.54 8.50
C THR A 31 19.87 8.67 9.27
N ARG A 32 19.87 8.78 10.60
CA ARG A 32 18.93 8.01 11.42
C ARG A 32 17.51 8.35 11.00
N VAL A 33 17.21 9.64 10.93
CA VAL A 33 15.89 10.11 10.57
C VAL A 33 15.48 9.65 9.17
N HIS A 34 16.39 9.70 8.21
CA HIS A 34 16.05 9.23 6.86
C HIS A 34 15.67 7.76 6.88
N GLU A 35 16.45 6.95 7.59
CA GLU A 35 16.15 5.52 7.68
C GLU A 35 14.84 5.24 8.41
N ILE A 36 14.60 5.95 9.51
CA ILE A 36 13.36 5.78 10.26
C ILE A 36 12.15 6.03 9.34
N VAL A 37 12.20 7.09 8.54
CA VAL A 37 11.11 7.44 7.61
C VAL A 37 10.94 6.33 6.57
N ASN A 38 12.02 5.70 6.14
CA ASN A 38 11.91 4.59 5.20
C ASN A 38 11.09 3.47 5.84
N PHE A 39 11.36 3.21 7.13
CA PHE A 39 10.61 2.20 7.87
C PHE A 39 9.13 2.59 7.98
N ILE A 40 8.87 3.85 8.31
CA ILE A 40 7.49 4.34 8.44
C ILE A 40 6.70 4.04 7.16
N ASN A 41 7.28 4.40 6.03
CA ASN A 41 6.65 4.17 4.73
C ASN A 41 6.37 2.69 4.47
N GLY A 42 7.30 1.84 4.92
CA GLY A 42 7.11 0.42 4.76
C GLY A 42 5.86 -0.06 5.50
N PHE A 43 5.64 0.44 6.71
CA PHE A 43 4.46 0.05 7.50
C PHE A 43 3.16 0.63 6.95
N TYR A 44 3.20 1.89 6.50
CA TYR A 44 2.03 2.57 5.96
C TYR A 44 1.64 2.18 4.54
N ARG A 45 2.50 1.46 3.86
CA ARG A 45 2.26 1.01 2.49
C ARG A 45 0.85 0.39 2.31
N SER A 46 0.46 -0.50 3.22
CA SER A 46 -0.85 -1.14 3.12
C SER A 46 -2.04 -0.21 3.39
N LEU A 47 -1.78 1.01 3.86
CA LEU A 47 -2.83 1.96 4.13
C LEU A 47 -2.88 3.06 3.07
N ASN A 48 -2.07 2.92 2.02
CA ASN A 48 -2.01 3.91 0.94
C ASN A 48 -1.62 5.34 1.39
N ILE A 49 -0.69 5.42 2.33
CA ILE A 49 -0.20 6.70 2.81
C ILE A 49 1.31 6.76 2.58
N HIS A 50 1.77 7.83 1.97
CA HIS A 50 3.19 8.01 1.76
C HIS A 50 3.65 9.19 2.62
N VAL A 51 4.70 8.97 3.40
CA VAL A 51 5.23 10.01 4.27
C VAL A 51 6.49 10.60 3.62
N SER A 52 6.53 11.93 3.51
CA SER A 52 7.69 12.65 2.95
C SER A 52 8.31 13.50 4.04
N LEU A 53 9.64 13.43 4.16
CA LEU A 53 10.33 14.24 5.15
C LEU A 53 10.49 15.62 4.52
N THR A 54 9.57 16.50 4.88
CA THR A 54 9.58 17.88 4.40
C THR A 54 10.85 18.58 4.90
N ASP A 55 11.18 18.39 6.17
CA ASP A 55 12.36 19.02 6.71
C ASP A 55 12.68 18.42 8.06
N LEU A 56 13.95 18.54 8.42
CA LEU A 56 14.48 18.07 9.70
C LEU A 56 15.13 19.29 10.33
N GLU A 57 14.58 19.73 11.46
CA GLU A 57 15.10 20.88 12.17
C GLU A 57 15.80 20.38 13.43
N ILE A 58 17.06 20.76 13.61
CA ILE A 58 17.82 20.32 14.77
C ILE A 58 18.13 21.51 15.67
N TRP A 59 17.71 21.44 16.93
CA TRP A 59 17.97 22.53 17.89
C TRP A 59 19.42 22.41 18.42
N SER A 60 20.36 22.72 17.55
CA SER A 60 21.78 22.67 17.86
C SER A 60 22.28 23.70 18.86
N ASN A 61 21.66 24.87 18.89
CA ASN A 61 22.07 25.93 19.82
C ASN A 61 21.39 25.73 21.17
N GLU A 62 20.06 25.75 21.15
CA GLU A 62 19.28 25.58 22.38
C GLU A 62 17.86 25.16 22.04
N ASP A 63 17.19 24.54 23.01
CA ASP A 63 15.81 24.11 22.84
C ASP A 63 14.97 25.35 22.66
N GLN A 64 13.99 25.28 21.76
CA GLN A 64 13.11 26.41 21.50
C GLN A 64 11.87 26.39 22.38
N ILE A 65 11.71 25.31 23.15
CA ILE A 65 10.61 25.15 24.10
C ILE A 65 11.20 24.49 25.35
N ASN A 66 10.46 24.45 26.44
CA ASN A 66 10.98 23.81 27.64
C ASN A 66 10.67 22.34 27.61
N ILE A 67 11.70 21.54 27.33
CA ILE A 67 11.54 20.08 27.29
C ILE A 67 11.49 19.62 28.75
N GLN A 68 10.39 18.95 29.11
CA GLN A 68 10.19 18.46 30.46
C GLN A 68 9.92 16.96 30.42
N SER A 69 10.33 16.24 31.46
CA SER A 69 10.13 14.79 31.50
C SER A 69 8.66 14.40 31.48
N ALA A 70 7.80 15.30 31.96
CA ALA A 70 6.35 15.08 31.99
C ALA A 70 5.88 15.22 30.55
N SER A 71 5.70 14.09 29.89
CA SER A 71 5.29 14.05 28.48
C SER A 71 4.16 14.96 28.04
N SER A 72 3.11 15.08 28.84
CA SER A 72 1.98 15.94 28.47
C SER A 72 2.33 17.42 28.46
N ASP A 73 3.18 17.86 29.38
CA ASP A 73 3.58 19.25 29.42
C ASP A 73 4.42 19.58 28.18
N THR A 74 5.34 18.67 27.85
CA THR A 74 6.22 18.83 26.70
C THR A 74 5.39 18.84 25.43
N LEU A 75 4.38 17.98 25.36
CA LEU A 75 3.50 17.89 24.20
C LEU A 75 2.76 19.23 23.98
N ASN A 76 2.27 19.83 25.05
CA ASN A 76 1.55 21.11 24.97
C ASN A 76 2.47 22.26 24.57
N ALA A 77 3.69 22.27 25.12
CA ALA A 77 4.68 23.28 24.80
C ALA A 77 5.05 23.17 23.32
N PHE A 78 5.21 21.94 22.84
CA PHE A 78 5.54 21.70 21.43
C PHE A 78 4.39 22.14 20.50
N ALA A 79 3.14 21.86 20.89
CA ALA A 79 1.98 22.24 20.10
C ALA A 79 1.92 23.74 19.83
N GLU A 80 2.01 24.53 20.90
CA GLU A 80 1.98 25.98 20.80
C GLU A 80 3.07 26.48 19.85
N TRP A 81 4.29 26.00 20.07
CA TRP A 81 5.43 26.39 19.24
C TRP A 81 5.24 26.01 17.77
N ARG A 82 4.70 24.82 17.53
CA ARG A 82 4.48 24.37 16.16
C ARG A 82 3.52 25.31 15.47
N GLU A 83 2.41 25.64 16.14
CA GLU A 83 1.43 26.52 15.54
C GLU A 83 1.92 27.94 15.31
N THR A 84 2.50 28.53 16.34
CA THR A 84 2.97 29.91 16.27
C THR A 84 4.29 30.16 15.57
N ASP A 85 5.16 29.15 15.54
CA ASP A 85 6.47 29.35 14.95
C ASP A 85 6.71 28.53 13.70
N LEU A 86 6.87 27.23 13.87
CA LEU A 86 7.17 26.35 12.77
C LEU A 86 6.18 26.42 11.63
N LEU A 87 4.89 26.31 11.94
CA LEU A 87 3.85 26.31 10.91
C LEU A 87 3.90 27.63 10.14
N ASN A 88 4.29 28.67 10.85
CA ASN A 88 4.38 30.00 10.28
C ASN A 88 5.57 30.12 9.33
N ARG A 89 6.63 29.37 9.59
CA ARG A 89 7.83 29.38 8.75
C ARG A 89 7.77 28.41 7.58
N LYS A 90 7.17 27.27 7.77
CA LYS A 90 7.08 26.32 6.69
C LYS A 90 5.83 25.47 6.69
N SER A 91 5.25 25.33 5.51
CA SER A 91 4.06 24.55 5.31
C SER A 91 4.41 23.07 5.50
N HIS A 92 3.64 22.37 6.32
CA HIS A 92 3.85 20.95 6.56
C HIS A 92 2.56 20.43 7.19
N ASP A 93 2.35 19.12 7.10
CA ASP A 93 1.12 18.51 7.61
C ASP A 93 1.18 18.01 9.04
N ASN A 94 2.35 17.54 9.45
CA ASN A 94 2.51 16.99 10.79
C ASN A 94 3.94 17.19 11.27
N ALA A 95 4.11 17.38 12.57
CA ALA A 95 5.44 17.57 13.14
C ALA A 95 5.65 16.62 14.31
N GLN A 96 6.78 15.93 14.33
CA GLN A 96 7.12 15.00 15.40
C GLN A 96 8.38 15.48 16.10
N LEU A 97 8.32 15.60 17.42
CA LEU A 97 9.48 16.01 18.18
C LEU A 97 10.24 14.77 18.66
N LEU A 98 11.52 14.70 18.31
CA LEU A 98 12.38 13.61 18.72
C LEU A 98 13.21 14.17 19.87
N THR A 99 13.00 13.62 21.06
CA THR A 99 13.71 14.08 22.25
C THR A 99 14.54 12.96 22.88
N ALA A 100 15.63 13.33 23.52
CA ALA A 100 16.51 12.37 24.17
C ALA A 100 16.33 12.45 25.68
N ILE A 101 15.30 13.18 26.14
CA ILE A 101 15.09 13.27 27.57
C ILE A 101 14.34 12.02 28.01
N GLU A 102 14.55 11.57 29.24
CA GLU A 102 13.84 10.40 29.75
C GLU A 102 12.46 10.81 30.25
N LEU A 103 11.44 10.53 29.45
CA LEU A 103 10.08 10.88 29.78
C LEU A 103 9.59 10.06 30.97
N ASP A 104 8.74 10.69 31.77
CA ASP A 104 8.12 10.14 32.98
C ASP A 104 7.93 8.62 33.15
N GLU A 105 6.69 8.16 33.21
CA GLU A 105 6.44 6.73 33.42
C GLU A 105 6.68 5.83 32.22
N GLU A 106 7.96 5.54 31.98
CA GLU A 106 8.40 4.69 30.87
C GLU A 106 7.74 5.04 29.54
N THR A 107 7.38 6.31 29.35
CA THR A 107 6.73 6.76 28.13
C THR A 107 7.72 6.86 26.97
N LEU A 108 7.40 6.16 25.89
CA LEU A 108 8.24 6.14 24.68
C LEU A 108 7.77 7.15 23.65
N GLY A 109 6.50 7.55 23.75
CA GLY A 109 5.94 8.50 22.82
C GLY A 109 4.56 8.94 23.28
N LEU A 110 4.00 9.95 22.60
CA LEU A 110 2.69 10.50 22.92
C LEU A 110 2.19 11.32 21.72
N ALA A 111 0.90 11.19 21.39
CA ALA A 111 0.30 11.92 20.28
C ALA A 111 -1.23 12.02 20.42
N PRO A 112 -1.82 13.20 20.11
CA PRO A 112 -3.27 13.41 20.20
C PRO A 112 -3.99 12.50 19.19
N LEU A 113 -5.19 12.04 19.55
CA LEU A 113 -5.96 11.15 18.68
C LEU A 113 -6.78 11.90 17.62
N GLY A 114 -6.70 11.43 16.37
CA GLY A 114 -7.46 12.02 15.28
C GLY A 114 -7.28 13.52 15.09
N THR A 115 -6.04 13.99 15.01
CA THR A 115 -5.75 15.41 14.89
C THR A 115 -4.97 15.80 13.64
N MET A 116 -4.82 14.88 12.69
CA MET A 116 -4.06 15.17 11.47
C MET A 116 -4.57 16.45 10.80
N CYS A 117 -3.64 17.35 10.46
CA CYS A 117 -3.91 18.63 9.83
C CYS A 117 -4.34 19.73 10.80
N ASP A 118 -4.59 19.42 12.07
CA ASP A 118 -4.99 20.46 12.99
C ASP A 118 -3.77 21.38 13.14
N PRO A 119 -3.98 22.71 13.09
CA PRO A 119 -2.87 23.66 13.21
C PRO A 119 -2.04 23.53 14.49
N LYS A 120 -2.70 23.18 15.59
CA LYS A 120 -2.01 23.05 16.86
C LYS A 120 -1.71 21.61 17.28
N LEU A 121 -2.64 20.70 16.97
CA LEU A 121 -2.53 19.31 17.36
C LEU A 121 -1.98 18.25 16.40
N SER A 122 -1.57 18.62 15.18
CA SER A 122 -1.02 17.63 14.24
C SER A 122 0.46 17.42 14.62
N ILE A 123 0.66 16.86 15.80
CA ILE A 123 1.98 16.65 16.38
C ILE A 123 2.07 15.36 17.19
N GLY A 124 3.30 15.04 17.57
CA GLY A 124 3.55 13.87 18.38
C GLY A 124 4.95 14.00 18.94
N ILE A 125 5.24 13.26 20.01
CA ILE A 125 6.57 13.30 20.58
C ILE A 125 7.07 11.87 20.67
N VAL A 126 8.33 11.68 20.30
CA VAL A 126 8.95 10.37 20.30
C VAL A 126 10.27 10.47 21.04
N GLN A 127 10.52 9.52 21.94
CA GLN A 127 11.77 9.53 22.67
C GLN A 127 12.81 8.67 21.95
N ASP A 128 14.02 9.17 21.80
CA ASP A 128 15.06 8.43 21.13
C ASP A 128 15.49 7.35 22.14
N HIS A 129 14.75 6.27 22.17
CA HIS A 129 14.97 5.19 23.14
C HIS A 129 15.71 3.96 22.65
N SER A 130 15.99 3.89 21.36
CA SER A 130 16.64 2.70 20.83
C SER A 130 17.53 3.00 19.65
N PRO A 131 18.70 2.34 19.60
CA PRO A 131 19.66 2.53 18.50
C PRO A 131 19.26 1.71 17.26
N ILE A 132 18.16 0.96 17.35
CA ILE A 132 17.69 0.16 16.23
C ILE A 132 16.66 0.99 15.45
N ASN A 133 17.01 1.41 14.24
CA ASN A 133 16.11 2.22 13.42
C ASN A 133 14.72 1.62 13.26
N LEU A 134 14.64 0.29 13.13
CA LEU A 134 13.35 -0.38 12.99
C LEU A 134 12.41 -0.07 14.16
N LEU A 135 12.91 -0.21 15.38
CA LEU A 135 12.10 0.04 16.56
C LEU A 135 11.68 1.50 16.66
N MET A 136 12.56 2.40 16.23
CA MET A 136 12.24 3.83 16.23
C MET A 136 11.19 4.12 15.13
N GLY A 137 11.23 3.34 14.06
CA GLY A 137 10.27 3.47 12.99
C GLY A 137 8.89 3.07 13.51
N VAL A 138 8.84 1.97 14.25
CA VAL A 138 7.59 1.50 14.84
C VAL A 138 7.01 2.56 15.79
N THR A 139 7.88 3.14 16.62
CA THR A 139 7.46 4.17 17.58
C THR A 139 6.85 5.37 16.88
N MET A 140 7.54 5.91 15.87
CA MET A 140 7.05 7.08 15.16
C MET A 140 5.80 6.76 14.36
N ALA A 141 5.78 5.58 13.74
CA ALA A 141 4.60 5.15 12.98
C ALA A 141 3.36 5.04 13.90
N HIS A 142 3.58 4.60 15.14
CA HIS A 142 2.52 4.46 16.13
C HIS A 142 1.95 5.83 16.50
N GLU A 143 2.82 6.80 16.75
CA GLU A 143 2.34 8.14 17.11
C GLU A 143 1.59 8.80 15.96
N LEU A 144 2.06 8.58 14.73
CA LEU A 144 1.38 9.11 13.56
C LEU A 144 0.03 8.38 13.48
N GLY A 145 0.02 7.11 13.87
CA GLY A 145 -1.21 6.33 13.88
C GLY A 145 -2.28 6.99 14.73
N HIS A 146 -1.91 7.45 15.93
CA HIS A 146 -2.87 8.13 16.81
C HIS A 146 -3.39 9.40 16.11
N ASN A 147 -2.50 10.16 15.46
CA ASN A 147 -2.91 11.37 14.76
C ASN A 147 -3.94 11.05 13.69
N LEU A 148 -3.82 9.87 13.10
CA LEU A 148 -4.73 9.39 12.07
C LEU A 148 -6.00 8.69 12.61
N GLY A 149 -6.28 8.88 13.89
CA GLY A 149 -7.48 8.31 14.50
C GLY A 149 -7.42 6.87 14.97
N MET A 150 -6.24 6.27 15.02
CA MET A 150 -6.14 4.88 15.48
C MET A 150 -6.02 4.79 17.00
N GLU A 151 -6.86 3.96 17.62
CA GLU A 151 -6.79 3.75 19.06
C GLU A 151 -5.94 2.49 19.22
N HIS A 152 -5.56 2.15 20.45
CA HIS A 152 -4.74 0.97 20.69
C HIS A 152 -5.40 -0.35 20.39
N ASP A 153 -4.57 -1.36 20.14
CA ASP A 153 -5.03 -2.72 19.90
C ASP A 153 -4.91 -3.43 21.24
N GLY A 154 -5.30 -4.69 21.27
CA GLY A 154 -5.19 -5.48 22.48
C GLY A 154 -3.71 -5.67 22.74
N LYS A 155 -3.33 -5.79 24.01
CA LYS A 155 -1.93 -5.94 24.34
C LYS A 155 -1.23 -7.16 23.75
N ASP A 156 -1.99 -8.10 23.21
CA ASP A 156 -1.40 -9.30 22.61
C ASP A 156 -1.72 -9.42 21.13
N CYS A 157 -2.08 -8.29 20.53
CA CYS A 157 -2.42 -8.23 19.12
C CYS A 157 -1.29 -8.72 18.22
N LEU A 158 -1.64 -9.58 17.27
CA LEU A 158 -0.71 -10.10 16.31
C LEU A 158 -1.44 -10.15 14.99
N ARG A 159 -0.73 -9.84 13.92
CA ARG A 159 -1.30 -9.92 12.60
C ARG A 159 -0.41 -10.97 11.95
N GLY A 160 -0.87 -12.21 11.95
CA GLY A 160 -0.07 -13.29 11.42
C GLY A 160 1.01 -13.49 12.47
N ALA A 161 2.27 -13.44 12.05
CA ALA A 161 3.37 -13.60 12.99
C ALA A 161 3.89 -12.21 13.36
N SER A 162 3.27 -11.19 12.79
CA SER A 162 3.67 -9.81 13.01
C SER A 162 2.98 -9.15 14.21
N LEU A 163 3.74 -8.31 14.91
CA LEU A 163 3.24 -7.59 16.05
C LEU A 163 2.44 -6.41 15.52
N CYS A 164 1.27 -6.18 16.11
CA CYS A 164 0.46 -5.05 15.67
C CYS A 164 1.15 -3.76 16.11
N ILE A 165 1.27 -2.81 15.20
CA ILE A 165 1.92 -1.54 15.49
C ILE A 165 1.22 -0.75 16.58
N MET A 166 -0.11 -0.81 16.62
CA MET A 166 -0.86 -0.07 17.61
C MET A 166 -1.01 -0.71 19.00
N ARG A 167 -0.18 -1.69 19.32
CA ARG A 167 -0.25 -2.29 20.65
C ARG A 167 0.07 -1.17 21.64
N PRO A 168 -0.51 -1.22 22.85
CA PRO A 168 -0.26 -0.19 23.86
C PRO A 168 1.19 -0.13 24.35
N GLY A 169 1.91 -1.24 24.21
CA GLY A 169 3.30 -1.29 24.63
C GLY A 169 4.18 -1.83 23.54
N LEU A 170 5.43 -1.39 23.51
CA LEU A 170 6.37 -1.86 22.48
C LEU A 170 7.12 -3.12 22.89
N THR A 171 6.99 -4.15 22.05
CA THR A 171 7.66 -5.43 22.26
C THR A 171 8.64 -5.53 21.10
N LYS A 172 9.84 -6.02 21.36
CA LYS A 172 10.83 -6.17 20.28
C LYS A 172 10.50 -7.35 19.39
N GLY A 173 10.64 -7.13 18.09
CA GLY A 173 10.36 -8.15 17.10
C GLY A 173 10.98 -7.69 15.81
N ARG A 174 10.91 -8.52 14.77
CA ARG A 174 11.48 -8.14 13.49
C ARG A 174 10.39 -7.94 12.45
N SER A 175 9.14 -8.10 12.86
CA SER A 175 8.03 -7.92 11.94
C SER A 175 6.83 -7.22 12.58
N TYR A 176 6.44 -6.09 12.01
CA TYR A 176 5.33 -5.26 12.49
C TYR A 176 4.36 -4.86 11.37
N GLU A 177 3.07 -4.82 11.71
CA GLU A 177 2.00 -4.46 10.77
C GLU A 177 0.84 -3.78 11.50
N PHE A 178 0.01 -3.10 10.74
CA PHE A 178 -1.19 -2.44 11.26
C PHE A 178 -2.29 -3.49 11.26
N SER A 179 -3.01 -3.59 12.38
CA SER A 179 -4.10 -4.55 12.50
C SER A 179 -5.31 -4.09 11.70
N ASP A 180 -6.31 -4.96 11.60
CA ASP A 180 -7.55 -4.63 10.89
C ASP A 180 -8.26 -3.47 11.58
N ASP A 181 -8.22 -3.45 12.90
CA ASP A 181 -8.86 -2.39 13.65
C ASP A 181 -8.30 -1.03 13.24
N SER A 182 -6.98 -0.93 13.21
CA SER A 182 -6.31 0.31 12.83
C SER A 182 -6.76 0.77 11.46
N MET A 183 -6.87 -0.16 10.51
CA MET A 183 -7.31 0.19 9.17
C MET A 183 -8.72 0.76 9.17
N HIS A 184 -9.57 0.28 10.08
CA HIS A 184 -10.95 0.77 10.17
C HIS A 184 -11.04 2.11 10.89
N TYR A 185 -10.27 2.30 11.95
CA TYR A 185 -10.24 3.58 12.66
C TYR A 185 -9.84 4.65 11.65
N TYR A 186 -8.81 4.37 10.88
CA TYR A 186 -8.30 5.28 9.87
C TYR A 186 -9.30 5.53 8.77
N GLU A 187 -9.89 4.48 8.22
CA GLU A 187 -10.87 4.68 7.15
C GLU A 187 -12.02 5.57 7.59
N ARG A 188 -12.48 5.40 8.83
CA ARG A 188 -13.55 6.23 9.34
C ARG A 188 -13.07 7.68 9.56
N PHE A 189 -11.83 7.83 10.04
CA PHE A 189 -11.25 9.17 10.25
C PHE A 189 -11.29 9.95 8.94
N LEU A 190 -10.89 9.31 7.83
CA LEU A 190 -10.93 9.98 6.52
C LEU A 190 -12.33 10.49 6.20
N LYS A 191 -13.33 9.64 6.39
CA LYS A 191 -14.73 9.98 6.10
C LYS A 191 -15.26 11.14 6.91
N GLN A 192 -15.10 11.05 8.23
CA GLN A 192 -15.58 12.08 9.13
C GLN A 192 -14.89 13.42 8.95
N TYR A 193 -13.57 13.44 9.01
CA TYR A 193 -12.84 14.70 8.92
C TYR A 193 -12.44 15.27 7.57
N LYS A 194 -12.40 14.41 6.55
CA LYS A 194 -11.97 14.84 5.20
C LYS A 194 -10.79 15.82 5.24
N PRO A 195 -9.65 15.42 5.87
CA PRO A 195 -8.47 16.30 5.96
C PRO A 195 -7.98 16.72 4.58
N GLN A 196 -7.92 18.03 4.34
CA GLN A 196 -7.51 18.56 3.06
C GLN A 196 -6.01 18.53 2.90
N CYS A 197 -5.31 18.79 4.00
CA CYS A 197 -3.86 18.84 3.98
C CYS A 197 -3.12 17.61 3.49
N ILE A 198 -3.67 16.42 3.68
CA ILE A 198 -2.95 15.24 3.25
C ILE A 198 -3.21 14.74 1.82
N LEU A 199 -3.80 15.57 0.97
CA LEU A 199 -4.09 15.17 -0.42
C LEU A 199 -3.05 15.53 -1.47
N ASN A 200 -2.23 16.54 -1.23
CA ASN A 200 -1.23 16.94 -2.23
C ASN A 200 0.01 16.08 -2.23
N LYS A 201 0.39 15.65 -3.43
CA LYS A 201 1.58 14.84 -3.61
C LYS A 201 2.78 15.77 -3.46
N PRO A 202 3.64 15.53 -2.45
CA PRO A 202 4.84 16.34 -2.18
C PRO A 202 5.85 16.35 -3.34
N LEU B 3 9.39 -0.41 -1.75
CA LEU B 3 8.57 -0.57 -2.99
C LEU B 3 7.99 0.78 -3.44
N PRO B 4 8.51 1.33 -4.57
CA PRO B 4 8.06 2.62 -5.11
C PRO B 4 6.62 2.51 -5.66
N GLN B 5 5.94 3.64 -5.79
CA GLN B 5 4.57 3.61 -6.29
C GLN B 5 4.54 3.32 -7.78
N ARG B 6 3.80 2.30 -8.16
CA ARG B 6 3.67 1.92 -9.57
C ARG B 6 2.20 1.93 -9.96
N TYR B 7 1.95 2.10 -11.26
CA TYR B 7 0.60 2.18 -11.80
C TYR B 7 0.42 1.31 -13.04
N ILE B 8 -0.63 0.50 -13.06
CA ILE B 8 -0.92 -0.34 -14.21
C ILE B 8 -2.16 0.18 -14.92
N GLU B 9 -2.02 0.45 -16.21
CA GLU B 9 -3.15 0.92 -17.02
C GLU B 9 -3.69 -0.36 -17.67
N LEU B 10 -4.73 -0.88 -17.07
CA LEU B 10 -5.34 -2.14 -17.47
C LEU B 10 -6.54 -2.02 -18.40
N VAL B 11 -6.59 -2.89 -19.39
CA VAL B 11 -7.72 -2.96 -20.31
C VAL B 11 -8.26 -4.38 -20.17
N VAL B 12 -9.56 -4.50 -19.91
CA VAL B 12 -10.19 -5.81 -19.78
C VAL B 12 -11.02 -6.01 -21.04
N VAL B 13 -10.91 -7.19 -21.65
CA VAL B 13 -11.64 -7.52 -22.86
C VAL B 13 -12.57 -8.68 -22.51
N ALA B 14 -13.87 -8.49 -22.68
CA ALA B 14 -14.82 -9.55 -22.38
C ALA B 14 -15.24 -10.16 -23.70
N ASP B 15 -15.18 -11.48 -23.80
CA ASP B 15 -15.53 -12.16 -25.05
C ASP B 15 -17.03 -12.24 -25.31
N HIS B 16 -17.40 -12.75 -26.48
CA HIS B 16 -18.81 -12.84 -26.83
C HIS B 16 -19.59 -13.76 -25.90
N ARG B 17 -18.91 -14.77 -25.37
CA ARG B 17 -19.56 -15.69 -24.43
C ARG B 17 -19.95 -14.99 -23.14
N VAL B 18 -19.11 -14.07 -22.67
CA VAL B 18 -19.42 -13.30 -21.46
C VAL B 18 -20.63 -12.42 -21.77
N PHE B 19 -20.61 -11.79 -22.95
CA PHE B 19 -21.72 -10.92 -23.37
C PHE B 19 -23.05 -11.65 -23.24
N MET B 20 -23.08 -12.88 -23.77
CA MET B 20 -24.25 -13.76 -23.74
C MET B 20 -24.67 -14.16 -22.34
N LYS B 21 -23.70 -14.64 -21.56
CA LYS B 21 -23.92 -15.07 -20.19
C LYS B 21 -24.63 -14.02 -19.32
N TYR B 22 -24.42 -12.74 -19.62
CA TYR B 22 -25.07 -11.71 -18.83
C TYR B 22 -26.28 -11.08 -19.51
N ASN B 23 -26.95 -11.88 -20.32
CA ASN B 23 -28.18 -11.46 -21.01
C ASN B 23 -27.97 -10.22 -21.88
N SER B 24 -26.81 -10.13 -22.51
CA SER B 24 -26.47 -9.01 -23.37
C SER B 24 -26.54 -7.66 -22.67
N ASP B 25 -26.51 -7.66 -21.33
CA ASP B 25 -26.58 -6.43 -20.58
C ASP B 25 -25.20 -5.86 -20.26
N LEU B 26 -24.82 -4.88 -21.05
CA LEU B 26 -23.52 -4.23 -20.92
C LEU B 26 -23.25 -3.64 -19.53
N ASN B 27 -24.24 -2.98 -18.94
CA ASN B 27 -24.05 -2.36 -17.63
C ASN B 27 -23.70 -3.38 -16.54
N THR B 28 -24.32 -4.53 -16.62
CA THR B 28 -24.08 -5.58 -15.64
C THR B 28 -22.62 -6.03 -15.74
N ILE B 29 -22.12 -6.14 -16.97
CA ILE B 29 -20.73 -6.53 -17.21
C ILE B 29 -19.78 -5.44 -16.70
N ARG B 30 -20.08 -4.18 -17.02
CA ARG B 30 -19.24 -3.07 -16.59
C ARG B 30 -19.17 -3.03 -15.08
N THR B 31 -20.33 -3.22 -14.43
CA THR B 31 -20.39 -3.20 -12.97
C THR B 31 -19.53 -4.30 -12.34
N ARG B 32 -19.63 -5.52 -12.86
CA ARG B 32 -18.81 -6.63 -12.34
C ARG B 32 -17.34 -6.27 -12.43
N VAL B 33 -16.93 -5.82 -13.61
CA VAL B 33 -15.55 -5.46 -13.84
C VAL B 33 -15.08 -4.32 -12.94
N HIS B 34 -15.91 -3.30 -12.75
CA HIS B 34 -15.52 -2.21 -11.87
C HIS B 34 -15.26 -2.73 -10.44
N GLU B 35 -16.16 -3.58 -9.94
CA GLU B 35 -16.00 -4.13 -8.61
C GLU B 35 -14.79 -5.03 -8.50
N ILE B 36 -14.57 -5.87 -9.50
CA ILE B 36 -13.41 -6.75 -9.50
C ILE B 36 -12.11 -5.93 -9.38
N VAL B 37 -12.00 -4.84 -10.13
CA VAL B 37 -10.83 -3.95 -10.09
C VAL B 37 -10.66 -3.33 -8.70
N ASN B 38 -11.77 -3.02 -8.04
CA ASN B 38 -11.70 -2.49 -6.68
C ASN B 38 -11.03 -3.53 -5.78
N PHE B 39 -11.41 -4.79 -5.94
CA PHE B 39 -10.82 -5.88 -5.18
C PHE B 39 -9.33 -6.00 -5.47
N ILE B 40 -8.97 -5.96 -6.76
CA ILE B 40 -7.57 -6.06 -7.18
C ILE B 40 -6.72 -5.02 -6.45
N ASN B 41 -7.18 -3.78 -6.46
CA ASN B 41 -6.49 -2.69 -5.79
C ASN B 41 -6.33 -2.94 -4.30
N GLY B 42 -7.35 -3.53 -3.69
CA GLY B 42 -7.28 -3.83 -2.27
C GLY B 42 -6.13 -4.80 -1.98
N PHE B 43 -5.96 -5.83 -2.82
CA PHE B 43 -4.88 -6.80 -2.62
C PHE B 43 -3.51 -6.22 -2.92
N TYR B 44 -3.40 -5.40 -3.97
CA TYR B 44 -2.13 -4.81 -4.36
C TYR B 44 -1.68 -3.62 -3.52
N ARG B 45 -2.56 -3.12 -2.66
CA ARG B 45 -2.25 -1.98 -1.81
C ARG B 45 -0.91 -2.13 -1.07
N SER B 46 -0.65 -3.32 -0.50
CA SER B 46 0.60 -3.54 0.23
C SER B 46 1.84 -3.62 -0.66
N LEU B 47 1.65 -3.67 -1.98
CA LEU B 47 2.78 -3.73 -2.90
C LEU B 47 3.00 -2.39 -3.60
N ASN B 48 2.26 -1.36 -3.19
CA ASN B 48 2.38 -0.03 -3.79
C ASN B 48 2.08 0.04 -5.30
N ILE B 49 1.09 -0.74 -5.74
CA ILE B 49 0.69 -0.75 -7.14
C ILE B 49 -0.79 -0.37 -7.22
N HIS B 50 -1.11 0.58 -8.08
CA HIS B 50 -2.48 0.98 -8.27
C HIS B 50 -2.88 0.57 -9.69
N VAL B 51 -4.01 -0.12 -9.79
CA VAL B 51 -4.52 -0.57 -11.08
C VAL B 51 -5.67 0.35 -11.52
N SER B 52 -5.58 0.87 -12.74
CA SER B 52 -6.60 1.73 -13.32
C SER B 52 -7.23 1.03 -14.50
N LEU B 53 -8.56 1.03 -14.56
CA LEU B 53 -9.25 0.41 -15.69
C LEU B 53 -9.24 1.45 -16.81
N THR B 54 -8.28 1.30 -17.70
CA THR B 54 -8.12 2.18 -18.84
C THR B 54 -9.36 2.05 -19.74
N ASP B 55 -9.78 0.82 -20.01
CA ASP B 55 -10.95 0.62 -20.83
C ASP B 55 -11.42 -0.81 -20.72
N LEU B 56 -12.70 -1.00 -21.02
CA LEU B 56 -13.36 -2.30 -21.01
C LEU B 56 -13.93 -2.46 -22.42
N GLU B 57 -13.43 -3.44 -23.14
CA GLU B 57 -13.89 -3.68 -24.49
C GLU B 57 -14.72 -4.98 -24.47
N ILE B 58 -15.96 -4.90 -24.96
CA ILE B 58 -16.85 -6.05 -24.97
C ILE B 58 -17.12 -6.51 -26.40
N TRP B 59 -16.79 -7.76 -26.71
CA TRP B 59 -17.01 -8.31 -28.05
C TRP B 59 -18.48 -8.71 -28.20
N SER B 60 -19.34 -7.70 -28.28
CA SER B 60 -20.78 -7.87 -28.42
C SER B 60 -21.25 -8.45 -29.75
N ASN B 61 -20.54 -8.16 -30.83
CA ASN B 61 -20.91 -8.68 -32.15
C ASN B 61 -20.35 -10.08 -32.34
N GLU B 62 -19.03 -10.18 -32.29
CA GLU B 62 -18.36 -11.46 -32.46
C GLU B 62 -16.96 -11.43 -31.86
N ASP B 63 -16.42 -12.61 -31.56
CA ASP B 63 -15.08 -12.71 -31.00
C ASP B 63 -14.11 -12.24 -32.07
N GLN B 64 -13.08 -11.50 -31.64
CA GLN B 64 -12.09 -10.98 -32.57
C GLN B 64 -10.92 -11.94 -32.76
N ILE B 65 -10.92 -13.02 -31.98
CA ILE B 65 -9.89 -14.07 -32.06
C ILE B 65 -10.65 -15.39 -31.86
N ASN B 66 -9.98 -16.52 -32.12
CA ASN B 66 -10.65 -17.80 -31.94
C ASN B 66 -10.47 -18.28 -30.51
N ILE B 67 -11.54 -18.16 -29.72
CA ILE B 67 -11.52 -18.58 -28.33
C ILE B 67 -11.62 -20.10 -28.35
N GLN B 68 -10.62 -20.76 -27.77
CA GLN B 68 -10.56 -22.23 -27.73
C GLN B 68 -10.42 -22.67 -26.28
N SER B 69 -10.96 -23.84 -25.95
CA SER B 69 -10.90 -24.35 -24.58
C SER B 69 -9.47 -24.58 -24.11
N ALA B 70 -8.57 -24.86 -25.06
CA ALA B 70 -7.15 -25.09 -24.77
C ALA B 70 -6.57 -23.73 -24.41
N SER B 71 -6.45 -23.47 -23.11
CA SER B 71 -5.95 -22.19 -22.60
C SER B 71 -4.71 -21.59 -23.26
N SER B 72 -3.71 -22.42 -23.55
CA SER B 72 -2.48 -21.92 -24.18
C SER B 72 -2.70 -21.41 -25.60
N ASP B 73 -3.57 -22.07 -26.35
CA ASP B 73 -3.85 -21.63 -27.72
C ASP B 73 -4.56 -20.28 -27.70
N THR B 74 -5.54 -20.15 -26.79
CA THR B 74 -6.31 -18.93 -26.62
C THR B 74 -5.39 -17.80 -26.18
N LEU B 75 -4.46 -18.10 -25.28
CA LEU B 75 -3.52 -17.13 -24.76
C LEU B 75 -2.64 -16.57 -25.91
N ASN B 76 -2.18 -17.45 -26.80
CA ASN B 76 -1.35 -17.04 -27.93
C ASN B 76 -2.13 -16.21 -28.94
N ALA B 77 -3.37 -16.62 -29.20
CA ALA B 77 -4.25 -15.90 -30.12
C ALA B 77 -4.53 -14.49 -29.57
N PHE B 78 -4.75 -14.41 -28.26
CA PHE B 78 -4.99 -13.12 -27.62
C PHE B 78 -3.74 -12.22 -27.67
N ALA B 79 -2.56 -12.80 -27.44
CA ALA B 79 -1.31 -12.04 -27.47
C ALA B 79 -1.09 -11.33 -28.81
N GLU B 80 -1.18 -12.08 -29.89
CA GLU B 80 -1.02 -11.53 -31.24
C GLU B 80 -1.98 -10.37 -31.48
N TRP B 81 -3.26 -10.60 -31.17
CA TRP B 81 -4.29 -9.59 -31.35
C TRP B 81 -4.03 -8.34 -30.50
N ARG B 82 -3.59 -8.54 -29.27
CA ARG B 82 -3.31 -7.41 -28.40
C ARG B 82 -2.21 -6.56 -28.99
N GLU B 83 -1.14 -7.18 -29.45
CA GLU B 83 -0.04 -6.44 -30.03
C GLU B 83 -0.39 -5.73 -31.33
N THR B 84 -0.99 -6.47 -32.26
CA THR B 84 -1.32 -5.94 -33.57
C THR B 84 -2.55 -5.06 -33.67
N ASP B 85 -3.51 -5.26 -32.76
CA ASP B 85 -4.75 -4.51 -32.84
C ASP B 85 -4.99 -3.56 -31.70
N LEU B 86 -5.26 -4.13 -30.54
CA LEU B 86 -5.56 -3.33 -29.36
C LEU B 86 -4.48 -2.32 -28.99
N LEU B 87 -3.24 -2.78 -28.89
CA LEU B 87 -2.13 -1.91 -28.52
C LEU B 87 -2.01 -0.77 -29.52
N ASN B 88 -2.35 -1.08 -30.76
CA ASN B 88 -2.29 -0.12 -31.84
C ASN B 88 -3.36 0.94 -31.74
N ARG B 89 -4.51 0.56 -31.19
CA ARG B 89 -5.64 1.48 -31.01
C ARG B 89 -5.58 2.30 -29.72
N LYS B 90 -5.10 1.69 -28.65
CA LYS B 90 -5.02 2.41 -27.40
C LYS B 90 -3.85 2.01 -26.53
N SER B 91 -3.21 3.03 -25.98
CA SER B 91 -2.07 2.85 -25.10
C SER B 91 -2.58 2.25 -23.77
N HIS B 92 -1.93 1.19 -23.31
CA HIS B 92 -2.29 0.54 -22.06
C HIS B 92 -1.11 -0.33 -21.69
N ASP B 93 -1.00 -0.68 -20.41
CA ASP B 93 0.11 -1.48 -19.93
C ASP B 93 -0.11 -2.98 -19.92
N ASN B 94 -1.33 -3.40 -19.68
CA ASN B 94 -1.64 -4.83 -19.59
C ASN B 94 -3.08 -5.07 -20.02
N ALA B 95 -3.32 -6.22 -20.64
CA ALA B 95 -4.67 -6.58 -21.07
C ALA B 95 -5.06 -7.97 -20.56
N GLN B 96 -6.25 -8.08 -19.98
CA GLN B 96 -6.74 -9.36 -19.46
C GLN B 96 -7.99 -9.74 -20.22
N LEU B 97 -8.02 -10.96 -20.74
CA LEU B 97 -9.19 -11.44 -21.46
C LEU B 97 -10.09 -12.20 -20.48
N LEU B 98 -11.34 -11.78 -20.39
CA LEU B 98 -12.33 -12.41 -19.54
C LEU B 98 -13.19 -13.25 -20.49
N THR B 99 -13.10 -14.56 -20.34
CA THR B 99 -13.85 -15.48 -21.19
C THR B 99 -14.82 -16.34 -20.38
N ALA B 100 -15.93 -16.72 -21.01
CA ALA B 100 -16.92 -17.56 -20.35
C ALA B 100 -16.84 -18.99 -20.90
N ILE B 101 -15.81 -19.28 -21.68
CA ILE B 101 -15.68 -20.63 -22.21
C ILE B 101 -15.08 -21.51 -21.13
N GLU B 102 -15.43 -22.79 -21.10
CA GLU B 102 -14.87 -23.70 -20.10
C GLU B 102 -13.49 -24.17 -20.57
N LEU B 103 -12.45 -23.61 -19.97
CA LEU B 103 -11.09 -23.95 -20.33
C LEU B 103 -10.77 -25.38 -19.90
N ASP B 104 -9.91 -26.02 -20.70
CA ASP B 104 -9.43 -27.39 -20.53
C ASP B 104 -9.40 -28.04 -19.13
N GLU B 105 -8.22 -28.36 -18.62
CA GLU B 105 -8.11 -29.02 -17.33
C GLU B 105 -8.34 -28.14 -16.11
N GLU B 106 -9.62 -27.87 -15.85
CA GLU B 106 -10.06 -27.07 -14.71
C GLU B 106 -9.28 -25.76 -14.58
N THR B 107 -8.79 -25.23 -15.70
CA THR B 107 -8.01 -24.00 -15.69
C THR B 107 -8.90 -22.77 -15.48
N LEU B 108 -8.57 -21.99 -14.45
CA LEU B 108 -9.32 -20.78 -14.12
C LEU B 108 -8.69 -19.53 -14.72
N GLY B 109 -7.40 -19.63 -15.03
CA GLY B 109 -6.68 -18.50 -15.61
C GLY B 109 -5.30 -18.93 -16.08
N LEU B 110 -4.62 -18.03 -16.77
CA LEU B 110 -3.29 -18.29 -17.31
C LEU B 110 -2.62 -16.95 -17.68
N ALA B 111 -1.33 -16.81 -17.37
CA ALA B 111 -0.58 -15.59 -17.67
C ALA B 111 0.92 -15.84 -17.70
N PRO B 112 1.65 -15.25 -18.68
CA PRO B 112 3.11 -15.39 -18.82
C PRO B 112 3.81 -14.80 -17.60
N LEU B 113 4.93 -15.40 -17.20
CA LEU B 113 5.68 -14.92 -16.04
C LEU B 113 6.64 -13.78 -16.35
N GLY B 114 6.61 -12.73 -15.51
CA GLY B 114 7.49 -11.58 -15.68
C GLY B 114 7.46 -10.93 -17.06
N THR B 115 6.27 -10.60 -17.54
CA THR B 115 6.11 -10.00 -18.85
C THR B 115 5.47 -8.63 -18.89
N MET B 116 5.31 -8.00 -17.74
CA MET B 116 4.68 -6.68 -17.67
C MET B 116 5.35 -5.72 -18.64
N CYS B 117 4.53 -5.04 -19.44
CA CYS B 117 4.98 -4.06 -20.43
C CYS B 117 5.44 -4.66 -21.75
N ASP B 118 5.55 -5.98 -21.84
CA ASP B 118 5.98 -6.57 -23.11
C ASP B 118 4.85 -6.32 -24.09
N PRO B 119 5.18 -5.86 -25.32
CA PRO B 119 4.15 -5.58 -26.33
C PRO B 119 3.22 -6.74 -26.66
N LYS B 120 3.76 -7.95 -26.64
CA LYS B 120 2.96 -9.12 -26.96
C LYS B 120 2.51 -9.94 -25.75
N LEU B 121 3.37 -10.03 -24.74
CA LEU B 121 3.10 -10.82 -23.55
C LEU B 121 2.52 -10.18 -22.28
N SER B 122 2.25 -8.87 -22.26
CA SER B 122 1.67 -8.23 -21.07
C SER B 122 0.16 -8.52 -21.07
N ILE B 123 -0.18 -9.79 -20.93
CA ILE B 123 -1.55 -10.25 -21.01
C ILE B 123 -1.81 -11.40 -20.05
N GLY B 124 -3.09 -11.76 -19.94
CA GLY B 124 -3.51 -12.87 -19.11
C GLY B 124 -4.92 -13.23 -19.50
N ILE B 125 -5.35 -14.42 -19.16
CA ILE B 125 -6.71 -14.84 -19.46
C ILE B 125 -7.34 -15.31 -18.17
N VAL B 126 -8.59 -14.90 -17.96
CA VAL B 126 -9.32 -15.25 -16.75
C VAL B 126 -10.68 -15.80 -17.17
N GLN B 127 -11.07 -16.92 -16.58
CA GLN B 127 -12.37 -17.49 -16.91
C GLN B 127 -13.42 -16.96 -15.92
N ASP B 128 -14.58 -16.54 -16.42
CA ASP B 128 -15.64 -16.05 -15.56
C ASP B 128 -16.23 -17.30 -14.91
N HIS B 129 -15.59 -17.75 -13.84
CA HIS B 129 -15.98 -18.97 -13.14
C HIS B 129 -16.79 -18.82 -11.86
N SER B 130 -16.98 -17.60 -11.40
CA SER B 130 -17.69 -17.41 -10.16
C SER B 130 -18.47 -16.11 -10.13
N PRO B 131 -19.68 -16.15 -9.56
CA PRO B 131 -20.54 -14.97 -9.45
C PRO B 131 -20.14 -14.08 -8.25
N ILE B 132 -19.12 -14.51 -7.51
CA ILE B 132 -18.64 -13.74 -6.36
C ILE B 132 -17.48 -12.85 -6.84
N ASN B 133 -17.70 -11.54 -6.86
CA ASN B 133 -16.68 -10.60 -7.32
C ASN B 133 -15.34 -10.76 -6.60
N LEU B 134 -15.37 -11.07 -5.31
CA LEU B 134 -14.14 -11.27 -4.54
C LEU B 134 -13.26 -12.36 -5.15
N LEU B 135 -13.85 -13.51 -5.43
CA LEU B 135 -13.11 -14.64 -6.00
C LEU B 135 -12.57 -14.31 -7.38
N MET B 136 -13.34 -13.54 -8.15
CA MET B 136 -12.88 -13.12 -9.48
C MET B 136 -11.74 -12.11 -9.33
N GLY B 137 -11.78 -11.32 -8.25
CA GLY B 137 -10.73 -10.36 -7.98
C GLY B 137 -9.44 -11.10 -7.69
N VAL B 138 -9.54 -12.15 -6.89
CA VAL B 138 -8.37 -12.98 -6.54
C VAL B 138 -7.77 -13.60 -7.81
N THR B 139 -8.64 -14.13 -8.68
CA THR B 139 -8.20 -14.76 -9.92
C THR B 139 -7.44 -13.77 -10.81
N MET B 140 -8.02 -12.60 -11.04
CA MET B 140 -7.36 -11.61 -11.89
C MET B 140 -6.08 -11.07 -11.24
N ALA B 141 -6.12 -10.85 -9.94
CA ALA B 141 -4.94 -10.39 -9.21
C ALA B 141 -3.80 -11.40 -9.32
N HIS B 142 -4.15 -12.68 -9.31
CA HIS B 142 -3.19 -13.78 -9.42
C HIS B 142 -2.51 -13.76 -10.80
N GLU B 143 -3.31 -13.62 -11.86
CA GLU B 143 -2.73 -13.59 -13.22
C GLU B 143 -1.85 -12.36 -13.42
N LEU B 144 -2.27 -11.22 -12.86
CA LEU B 144 -1.44 -10.01 -12.93
C LEU B 144 -0.15 -10.28 -12.15
N GLY B 145 -0.28 -11.06 -11.07
CA GLY B 145 0.86 -11.42 -10.26
C GLY B 145 1.93 -12.13 -11.08
N HIS B 146 1.51 -13.09 -11.92
CA HIS B 146 2.46 -13.79 -12.77
C HIS B 146 3.14 -12.80 -13.72
N ASN B 147 2.38 -11.86 -14.28
CA ASN B 147 2.94 -10.85 -15.19
C ASN B 147 4.03 -10.04 -14.48
N LEU B 148 3.84 -9.85 -13.19
CA LEU B 148 4.78 -9.10 -12.34
C LEU B 148 5.93 -9.96 -11.77
N GLY B 149 6.14 -11.15 -12.34
CA GLY B 149 7.23 -12.00 -11.91
C GLY B 149 7.01 -12.90 -10.70
N MET B 150 5.77 -13.03 -10.23
CA MET B 150 5.51 -13.87 -9.08
C MET B 150 5.27 -15.33 -9.48
N GLU B 151 5.97 -16.25 -8.83
CA GLU B 151 5.80 -17.67 -9.09
C GLU B 151 4.82 -18.14 -8.00
N HIS B 152 4.34 -19.38 -8.10
CA HIS B 152 3.40 -19.90 -7.12
C HIS B 152 3.95 -20.09 -5.72
N ASP B 153 3.04 -20.07 -4.75
CA ASP B 153 3.41 -20.31 -3.35
C ASP B 153 3.12 -21.79 -3.12
N GLY B 154 3.39 -22.25 -1.90
CA GLY B 154 3.12 -23.62 -1.55
C GLY B 154 1.62 -23.79 -1.55
N LYS B 155 1.14 -24.98 -1.86
CA LYS B 155 -0.29 -25.22 -1.92
C LYS B 155 -1.06 -24.96 -0.62
N ASP B 156 -0.35 -24.82 0.50
CA ASP B 156 -1.00 -24.56 1.78
C ASP B 156 -0.61 -23.23 2.37
N CYS B 157 -0.10 -22.36 1.52
CA CYS B 157 0.35 -21.04 1.94
C CYS B 157 -0.76 -20.24 2.63
N LEU B 158 -0.41 -19.65 3.76
CA LEU B 158 -1.33 -18.81 4.51
C LEU B 158 -0.51 -17.64 5.01
N ARG B 159 -1.11 -16.46 5.01
CA ARG B 159 -0.44 -15.29 5.55
C ARG B 159 -1.38 -14.92 6.68
N GLY B 160 -1.04 -15.34 7.88
CA GLY B 160 -1.90 -15.09 9.03
C GLY B 160 -3.05 -16.04 8.82
N ALA B 161 -4.27 -15.51 8.81
CA ALA B 161 -5.45 -16.35 8.59
C ALA B 161 -5.86 -16.21 7.13
N SER B 162 -5.12 -15.40 6.38
CA SER B 162 -5.39 -15.16 4.98
C SER B 162 -4.75 -16.16 4.03
N LEU B 163 -5.47 -16.47 2.96
CA LEU B 163 -4.99 -17.38 1.94
C LEU B 163 -4.05 -16.59 1.05
N CYS B 164 -2.91 -17.18 0.71
CA CYS B 164 -1.97 -16.50 -0.17
C CYS B 164 -2.57 -16.46 -1.57
N ILE B 165 -2.54 -15.28 -2.17
CA ILE B 165 -3.09 -15.10 -3.51
C ILE B 165 -2.39 -15.95 -4.57
N MET B 166 -1.09 -16.13 -4.43
CA MET B 166 -0.34 -16.91 -5.41
C MET B 166 -0.34 -18.45 -5.23
N ARG B 167 -1.28 -18.98 -4.45
CA ARG B 167 -1.37 -20.42 -4.31
C ARG B 167 -1.65 -20.98 -5.70
N PRO B 168 -1.17 -22.19 -5.99
CA PRO B 168 -1.39 -22.80 -7.31
C PRO B 168 -2.87 -23.11 -7.61
N GLY B 169 -3.67 -23.26 -6.56
CA GLY B 169 -5.08 -23.54 -6.73
C GLY B 169 -5.94 -22.58 -5.92
N LEU B 170 -7.13 -22.29 -6.41
CA LEU B 170 -8.04 -21.37 -5.72
C LEU B 170 -8.93 -22.07 -4.69
N THR B 171 -8.83 -21.62 -3.45
CA THR B 171 -9.63 -22.14 -2.35
C THR B 171 -10.52 -20.99 -1.95
N LYS B 172 -11.78 -21.27 -1.64
CA LYS B 172 -12.70 -20.21 -1.23
C LYS B 172 -12.42 -19.76 0.19
N GLY B 173 -12.43 -18.45 0.40
CA GLY B 173 -12.20 -17.87 1.70
C GLY B 173 -12.67 -16.43 1.62
N ARG B 174 -12.59 -15.72 2.73
CA ARG B 174 -13.03 -14.32 2.75
C ARG B 174 -11.86 -13.39 2.96
N SER B 175 -10.66 -13.96 3.06
CA SER B 175 -9.48 -13.13 3.27
C SER B 175 -8.28 -13.65 2.47
N TYR B 176 -7.74 -12.79 1.59
CA TYR B 176 -6.59 -13.09 0.75
C TYR B 176 -5.52 -12.01 0.79
N GLU B 177 -4.26 -12.43 0.71
CA GLU B 177 -3.10 -11.52 0.73
C GLU B 177 -1.94 -12.14 -0.05
N PHE B 178 -0.98 -11.28 -0.40
CA PHE B 178 0.22 -11.69 -1.11
C PHE B 178 1.22 -12.12 -0.04
N SER B 179 1.83 -13.28 -0.25
CA SER B 179 2.82 -13.79 0.68
C SER B 179 4.13 -13.01 0.58
N ASP B 180 5.07 -13.28 1.49
CA ASP B 180 6.36 -12.62 1.47
C ASP B 180 7.14 -12.99 0.21
N ASP B 181 7.00 -14.24 -0.23
CA ASP B 181 7.68 -14.67 -1.43
C ASP B 181 7.28 -13.80 -2.62
N SER B 182 5.97 -13.62 -2.80
CA SER B 182 5.44 -12.81 -3.88
C SER B 182 6.04 -11.41 -3.86
N MET B 183 6.13 -10.81 -2.66
CA MET B 183 6.70 -9.48 -2.54
C MET B 183 8.16 -9.44 -2.99
N HIS B 184 8.89 -10.54 -2.76
CA HIS B 184 10.28 -10.61 -3.17
C HIS B 184 10.46 -10.87 -4.66
N TYR B 185 9.63 -11.73 -5.22
CA TYR B 185 9.67 -12.01 -6.66
C TYR B 185 9.45 -10.68 -7.39
N TYR B 186 8.44 -9.95 -6.92
CA TYR B 186 8.08 -8.66 -7.51
C TYR B 186 9.18 -7.62 -7.33
N GLU B 187 9.72 -7.50 -6.13
CA GLU B 187 10.78 -6.52 -5.91
C GLU B 187 11.97 -6.77 -6.83
N ARG B 188 12.32 -8.03 -7.02
CA ARG B 188 13.43 -8.37 -7.90
C ARG B 188 13.07 -8.08 -9.36
N PHE B 189 11.82 -8.36 -9.76
CA PHE B 189 11.37 -8.10 -11.13
C PHE B 189 11.55 -6.61 -11.41
N LEU B 190 11.16 -5.81 -10.44
CA LEU B 190 11.24 -4.34 -10.50
C LEU B 190 12.69 -3.84 -10.62
N LYS B 191 13.59 -4.37 -9.80
CA LYS B 191 15.00 -3.98 -9.83
C LYS B 191 15.69 -4.47 -11.09
N GLN B 192 15.48 -5.73 -11.41
CA GLN B 192 16.07 -6.38 -12.57
C GLN B 192 15.52 -5.93 -13.92
N TYR B 193 14.35 -6.46 -14.24
CA TYR B 193 13.66 -6.24 -15.50
C TYR B 193 13.30 -4.78 -15.74
N LYS B 194 13.10 -4.04 -14.66
CA LYS B 194 12.76 -2.62 -14.71
C LYS B 194 11.73 -2.25 -15.79
N PRO B 195 10.50 -2.78 -15.67
CA PRO B 195 9.45 -2.47 -16.66
C PRO B 195 9.24 -0.97 -16.71
N GLN B 196 9.31 -0.37 -17.90
CA GLN B 196 9.18 1.08 -18.02
C GLN B 196 7.81 1.67 -18.17
N CYS B 197 6.83 0.84 -18.50
CA CYS B 197 5.49 1.33 -18.72
C CYS B 197 4.65 1.51 -17.45
N ILE B 198 5.12 1.01 -16.33
CA ILE B 198 4.31 1.15 -15.11
C ILE B 198 4.63 2.31 -14.16
N LEU B 199 5.21 3.39 -14.69
CA LEU B 199 5.56 4.54 -13.86
C LEU B 199 4.64 5.76 -13.93
N ASN B 200 4.01 5.96 -15.09
CA ASN B 200 3.14 7.11 -15.25
C ASN B 200 1.80 6.94 -14.56
N LYS B 201 1.38 8.00 -13.87
CA LYS B 201 0.11 8.01 -13.18
C LYS B 201 -0.95 8.21 -14.25
N PRO B 202 -1.92 7.28 -14.32
CA PRO B 202 -2.99 7.37 -15.31
C PRO B 202 -3.87 8.61 -15.03
ZN ZN C . -0.16 4.73 21.77
CA CA D . 0.15 18.28 2.59
C1 0QI E . 4.13 3.86 25.76
O1 0QI E . 5.13 4.60 25.72
C2 0QI E . 4.01 2.71 26.78
CH 0QI E . 5.33 1.97 26.98
S 0QI E . 5.78 0.84 25.63
C3 0QI E . 3.57 3.28 28.13
C4 0QI E . 2.42 4.31 28.15
CM 0QI E . 2.26 4.88 29.56
C5 0QI E . 1.10 3.70 27.66
N 0QI E . 3.07 4.02 24.97
CA 0QI E . 2.98 5.07 23.97
C 0QI E . 1.57 5.09 23.36
O 0QI E . 1.15 6.12 22.80
CB 0QI E . 4.09 4.88 22.91
CG 0QI E . 4.17 3.51 22.27
CD1 0QI E . 3.34 2.47 22.67
CD2 0QI E . 5.08 3.27 21.23
CE1 0QI E . 3.41 1.23 22.06
CE2 0QI E . 5.15 2.04 20.62
CZ 0QI E . 4.30 1.02 21.04
OH 0QI E . 4.36 -0.22 20.44
OXT 0QI E . 0.86 4.09 23.53
C6 0QI E . 3.45 -1.00 19.65
ZN ZN F . -0.87 -19.29 -11.29
CA CA G . 1.50 3.07 -18.03
C1 0QI H . -5.52 -22.91 -12.03
O1 0QI H . -6.44 -22.55 -12.78
C2 0QI H . -5.58 -24.23 -11.25
CH 0QI H . -6.98 -24.53 -10.70
S 0QI H . -7.43 -23.57 -9.22
C3 0QI H . -5.18 -25.40 -12.19
C4 0QI H . -3.95 -25.20 -13.10
CM 0QI H . -3.85 -26.37 -14.08
C5 0QI H . -2.66 -25.05 -12.29
N 0QI H . -4.40 -22.22 -11.87
CA 0QI H . -4.15 -20.95 -12.53
C 0QI H . -2.70 -20.51 -12.27
O 0QI H . -2.14 -19.70 -13.03
CB 0QI H . -5.17 -19.90 -12.09
CG 0QI H . -5.35 -19.71 -10.59
CD1 0QI H . -4.65 -20.50 -9.68
CD2 0QI H . -6.20 -18.73 -10.09
CE1 0QI H . -4.78 -20.30 -8.32
CE2 0QI H . -6.34 -18.52 -8.74
CZ 0QI H . -5.63 -19.31 -7.85
OH 0QI H . -5.74 -19.14 -6.48
OXT 0QI H . -2.09 -21.06 -11.33
C6 0QI H . -4.84 -18.70 -5.46
#